data_4TZK
#
_entry.id   4TZK
#
_cell.length_a   97.794
_cell.length_b   97.794
_cell.length_c   140.661
_cell.angle_alpha   90.00
_cell.angle_beta   90.00
_cell.angle_gamma   120.00
#
_symmetry.space_group_name_H-M   'P 62 2 2'
#
loop_
_entity.id
_entity.type
_entity.pdbx_description
1 polymer 'Enoyl-[acyl-carrier-protein] reductase [NADH]'
2 non-polymer NICOTINAMIDE-ADENINE-DINUCLEOTIDE
3 non-polymer (3S)-1-CYCLOHEXYL-N-(3,5-DICHLOROPHENYL)-5-OXOPYRROLIDINE-3-CARBOXAMIDE
4 water water
#
_entity_poly.entity_id   1
_entity_poly.type   'polypeptide(L)'
_entity_poly.pdbx_seq_one_letter_code
;MTGLLDGKRILVSGIITDSSIAFHIARVAQEQGAQLVLTGFDRLRLIQRITDRLPAKAPLLELDVQNEEHLASLAGRVTE
AIGAGNKLDGVVHSIGFMPQTGMGINPFFDAPYADVSKGIHISAYSYASMAKALLPIMNPGGSIVGMDFDPSRAMPAYNW
MTVAKSALESVNRFVAREAGKYGVRSNLVAAGPIRTLAMSAIVGGALGEEAGAQIQLLEEGWDQRAPIGWNMKDATPVAK
TVCALLSDWLPATTGDIIYADGGAHTQLL
;
_entity_poly.pdbx_strand_id   A
#
loop_
_chem_comp.id
_chem_comp.type
_chem_comp.name
_chem_comp.formula
641 non-polymer (3S)-1-CYCLOHEXYL-N-(3,5-DICHLOROPHENYL)-5-OXOPYRROLIDINE-3-CARBOXAMIDE 'C17 H20 Cl2 N2 O2'
NAD non-polymer NICOTINAMIDE-ADENINE-DINUCLEOTIDE 'C21 H27 N7 O14 P2'
#
# COMPACT_ATOMS: atom_id res chain seq x y z
N THR A 2 14.81 21.50 -3.12
CA THR A 2 15.38 21.02 -1.87
C THR A 2 14.54 19.89 -1.27
N GLY A 3 13.48 19.50 -1.98
CA GLY A 3 12.65 18.40 -1.54
C GLY A 3 13.32 17.05 -1.69
N LEU A 4 12.94 16.13 -0.81
CA LEU A 4 13.48 14.78 -0.82
C LEU A 4 13.30 14.07 -2.16
N LEU A 5 12.23 14.40 -2.86
CA LEU A 5 11.85 13.72 -4.09
C LEU A 5 11.82 14.65 -5.28
N ASP A 6 12.63 15.72 -5.22
CA ASP A 6 12.67 16.73 -6.28
C ASP A 6 12.98 16.09 -7.64
N GLY A 7 12.13 16.39 -8.61
CA GLY A 7 12.37 15.93 -9.97
C GLY A 7 11.83 14.54 -10.24
N LYS A 8 11.35 13.85 -9.21
CA LYS A 8 10.96 12.46 -9.37
C LYS A 8 9.52 12.35 -9.84
N ARG A 9 9.27 11.40 -10.73
CA ARG A 9 7.93 11.12 -11.24
C ARG A 9 7.45 9.82 -10.60
N ILE A 10 6.34 9.87 -9.88
CA ILE A 10 5.91 8.75 -9.05
C ILE A 10 4.46 8.45 -9.27
N LEU A 11 4.15 7.16 -9.48
CA LEU A 11 2.78 6.69 -9.58
C LEU A 11 2.27 6.24 -8.21
N VAL A 12 1.12 6.75 -7.79
CA VAL A 12 0.54 6.34 -6.50
C VAL A 12 -0.86 5.76 -6.71
N SER A 13 -1.00 4.50 -6.34
CA SER A 13 -2.28 3.81 -6.39
C SER A 13 -2.91 3.83 -5.00
N GLY A 14 -4.20 3.51 -4.92
CA GLY A 14 -4.80 3.21 -3.64
C GLY A 14 -5.56 4.31 -2.92
N ILE A 15 -5.74 5.49 -3.50
CA ILE A 15 -6.57 6.50 -2.87
C ILE A 15 -8.04 6.18 -3.11
N ILE A 16 -8.82 6.15 -2.03
CA ILE A 16 -10.28 6.08 -2.15
C ILE A 16 -10.99 7.07 -1.22
N THR A 17 -10.38 7.43 -0.10
CA THR A 17 -10.90 8.50 0.77
C THR A 17 -9.77 9.42 1.21
N ASP A 18 -10.14 10.51 1.90
CA ASP A 18 -9.10 11.40 2.41
C ASP A 18 -8.37 10.79 3.60
N SER A 19 -8.78 9.60 4.07
CA SER A 19 -8.05 8.93 5.15
C SER A 19 -7.21 7.77 4.64
N SER A 20 -7.26 7.49 3.34
CA SER A 20 -6.43 6.45 2.74
C SER A 20 -4.97 6.71 3.05
N ILE A 21 -4.23 5.66 3.38
CA ILE A 21 -2.79 5.81 3.57
C ILE A 21 -2.18 6.43 2.31
N ALA A 22 -2.65 6.03 1.14
CA ALA A 22 -2.10 6.55 -0.11
C ALA A 22 -2.35 8.04 -0.29
N PHE A 23 -3.43 8.58 0.28
CA PHE A 23 -3.65 10.01 0.19
C PHE A 23 -2.53 10.75 0.89
N HIS A 24 -2.15 10.25 2.07
CA HIS A 24 -1.06 10.86 2.81
C HIS A 24 0.30 10.65 2.16
N ILE A 25 0.52 9.48 1.55
CA ILE A 25 1.74 9.27 0.77
C ILE A 25 1.83 10.30 -0.35
N ALA A 26 0.74 10.47 -1.09
CA ALA A 26 0.70 11.42 -2.21
C ALA A 26 0.96 12.85 -1.73
N ARG A 27 0.34 13.22 -0.62
CA ARG A 27 0.51 14.56 -0.09
C ARG A 27 1.97 14.84 0.28
N VAL A 28 2.56 13.95 1.06
CA VAL A 28 3.94 14.12 1.50
C VAL A 28 4.86 14.10 0.30
N ALA A 29 4.61 13.22 -0.67
CA ALA A 29 5.49 13.15 -1.83
C ALA A 29 5.46 14.48 -2.60
N GLN A 30 4.28 15.07 -2.78
CA GLN A 30 4.17 16.37 -3.43
C GLN A 30 4.84 17.50 -2.64
N GLU A 31 4.70 17.48 -1.32
CA GLU A 31 5.38 18.45 -0.46
C GLU A 31 6.88 18.38 -0.65
N GLN A 32 7.37 17.18 -0.98
CA GLN A 32 8.79 16.95 -1.18
C GLN A 32 9.22 16.99 -2.65
N GLY A 33 8.36 17.54 -3.50
CA GLY A 33 8.76 17.90 -4.85
C GLY A 33 8.47 16.87 -5.93
N ALA A 34 7.84 15.76 -5.57
CA ALA A 34 7.51 14.75 -6.56
C ALA A 34 6.37 15.21 -7.47
N GLN A 35 6.44 14.74 -8.71
CA GLN A 35 5.37 14.92 -9.69
C GLN A 35 4.62 13.60 -9.80
N LEU A 36 3.32 13.60 -9.50
CA LEU A 36 2.58 12.36 -9.41
C LEU A 36 1.65 12.06 -10.57
N VAL A 37 1.45 10.76 -10.76
CA VAL A 37 0.33 10.22 -11.52
C VAL A 37 -0.42 9.34 -10.53
N LEU A 38 -1.74 9.45 -10.47
CA LEU A 38 -2.54 8.66 -9.53
C LEU A 38 -3.31 7.58 -10.27
N THR A 39 -3.55 6.44 -9.63
CA THR A 39 -4.50 5.48 -10.17
C THR A 39 -5.60 5.20 -9.16
N GLY A 40 -6.80 4.98 -9.69
CA GLY A 40 -7.95 4.72 -8.86
C GLY A 40 -8.84 3.62 -9.38
N PHE A 41 -9.59 3.03 -8.45
CA PHE A 41 -10.46 1.89 -8.74
C PHE A 41 -11.92 2.27 -8.62
N ASP A 42 -12.62 2.09 -9.75
CA ASP A 42 -14.08 2.09 -9.85
C ASP A 42 -14.76 3.45 -9.67
N ARG A 43 -14.48 4.14 -8.57
CA ARG A 43 -15.21 5.38 -8.26
C ARG A 43 -14.37 6.61 -8.61
N LEU A 44 -14.19 6.84 -9.90
CA LEU A 44 -13.23 7.84 -10.33
C LEU A 44 -13.70 9.26 -10.06
N ARG A 45 -15.02 9.50 -10.09
CA ARG A 45 -15.54 10.84 -9.77
C ARG A 45 -15.25 11.17 -8.30
N LEU A 46 -15.51 10.23 -7.40
CA LEU A 46 -15.14 10.36 -6.00
C LEU A 46 -13.65 10.62 -5.83
N ILE A 47 -12.83 9.81 -6.47
CA ILE A 47 -11.40 9.91 -6.25
C ILE A 47 -10.86 11.23 -6.78
N GLN A 48 -11.36 11.70 -7.91
CA GLN A 48 -10.95 13.01 -8.41
C GLN A 48 -11.29 14.12 -7.41
N ARG A 49 -12.50 14.08 -6.85
CA ARG A 49 -12.92 15.11 -5.90
C ARG A 49 -12.04 15.10 -4.64
N ILE A 50 -11.68 13.90 -4.17
CA ILE A 50 -10.79 13.75 -3.04
C ILE A 50 -9.40 14.30 -3.38
N THR A 51 -8.86 13.92 -4.53
CA THR A 51 -7.48 14.29 -4.83
C THR A 51 -7.34 15.73 -5.31
N ASP A 52 -8.45 16.42 -5.56
CA ASP A 52 -8.43 17.86 -5.76
C ASP A 52 -7.83 18.59 -4.55
N ARG A 53 -7.87 17.96 -3.38
CA ARG A 53 -7.36 18.58 -2.17
C ARG A 53 -5.85 18.40 -1.98
N LEU A 54 -5.22 17.57 -2.80
CA LEU A 54 -3.77 17.46 -2.76
C LEU A 54 -3.13 18.79 -3.11
N PRO A 55 -1.89 19.04 -2.62
CA PRO A 55 -1.20 20.33 -2.83
C PRO A 55 -1.01 20.70 -4.30
N ALA A 56 -0.88 19.70 -5.17
CA ALA A 56 -0.63 19.94 -6.58
C ALA A 56 -1.49 19.06 -7.46
N LYS A 57 -1.64 19.48 -8.72
CA LYS A 57 -2.36 18.70 -9.71
C LYS A 57 -1.66 17.39 -10.02
N ALA A 58 -2.47 16.36 -10.24
CA ALA A 58 -1.96 15.06 -10.61
C ALA A 58 -2.99 14.33 -11.45
N PRO A 59 -2.60 13.90 -12.65
CA PRO A 59 -3.51 13.12 -13.50
C PRO A 59 -4.00 11.86 -12.81
N LEU A 60 -5.28 11.52 -12.99
CA LEU A 60 -5.85 10.30 -12.43
C LEU A 60 -6.20 9.35 -13.54
N LEU A 61 -5.69 8.12 -13.41
CA LEU A 61 -5.91 7.04 -14.36
C LEU A 61 -6.70 5.91 -13.70
N GLU A 62 -7.57 5.27 -14.45
CA GLU A 62 -8.34 4.15 -13.91
C GLU A 62 -7.48 2.89 -13.91
N LEU A 63 -7.50 2.16 -12.79
CA LEU A 63 -6.84 0.86 -12.72
C LEU A 63 -7.56 -0.05 -11.73
N ASP A 64 -8.24 -1.05 -12.29
CA ASP A 64 -8.73 -2.23 -11.58
C ASP A 64 -7.67 -3.30 -11.77
N VAL A 65 -6.97 -3.67 -10.70
CA VAL A 65 -5.88 -4.65 -10.88
C VAL A 65 -6.36 -6.06 -11.24
N GLN A 66 -7.66 -6.32 -11.18
CA GLN A 66 -8.17 -7.61 -11.68
C GLN A 66 -8.52 -7.56 -13.16
N ASN A 67 -8.38 -6.40 -13.77
CA ASN A 67 -8.75 -6.18 -15.16
C ASN A 67 -7.50 -6.23 -16.07
N GLU A 68 -7.38 -7.29 -16.84
CA GLU A 68 -6.20 -7.48 -17.69
C GLU A 68 -6.02 -6.38 -18.73
N GLU A 69 -7.13 -5.85 -19.24
CA GLU A 69 -7.07 -4.77 -20.23
C GLU A 69 -6.51 -3.50 -19.60
N HIS A 70 -6.93 -3.19 -18.37
CA HIS A 70 -6.38 -2.03 -17.68
C HIS A 70 -4.87 -2.15 -17.49
N LEU A 71 -4.41 -3.34 -17.12
CA LEU A 71 -2.99 -3.55 -16.88
C LEU A 71 -2.17 -3.48 -18.18
N ALA A 72 -2.75 -3.99 -19.26
CA ALA A 72 -2.07 -4.03 -20.54
C ALA A 72 -1.92 -2.64 -21.14
N SER A 73 -2.84 -1.74 -20.81
CA SER A 73 -2.80 -0.37 -21.35
C SER A 73 -2.14 0.63 -20.39
N LEU A 74 -1.83 0.19 -19.18
CA LEU A 74 -1.42 1.12 -18.14
C LEU A 74 -0.16 1.90 -18.46
N ALA A 75 0.90 1.22 -18.90
CA ALA A 75 2.16 1.90 -19.20
C ALA A 75 1.97 2.99 -20.27
N GLY A 76 1.17 2.69 -21.29
CA GLY A 76 0.91 3.65 -22.35
C GLY A 76 0.15 4.85 -21.84
N ARG A 77 -0.80 4.60 -20.93
CA ARG A 77 -1.60 5.68 -20.39
C ARG A 77 -0.76 6.54 -19.45
N VAL A 78 0.13 5.90 -18.70
CA VAL A 78 1.05 6.66 -17.84
C VAL A 78 1.97 7.52 -18.71
N THR A 79 2.53 6.93 -19.76
CA THR A 79 3.46 7.69 -20.60
C THR A 79 2.78 8.89 -21.25
N GLU A 80 1.53 8.72 -21.65
CA GLU A 80 0.75 9.82 -22.18
C GLU A 80 0.60 10.94 -21.15
N ALA A 81 0.41 10.56 -19.88
CA ALA A 81 0.21 11.54 -18.81
C ALA A 81 1.50 12.27 -18.41
N ILE A 82 2.64 11.60 -18.48
CA ILE A 82 3.90 12.24 -18.06
C ILE A 82 4.76 12.73 -19.23
N GLY A 83 4.37 12.37 -20.45
CA GLY A 83 5.06 12.85 -21.63
C GLY A 83 6.00 11.82 -22.22
N ALA A 84 5.92 11.65 -23.53
CA ALA A 84 6.79 10.73 -24.24
C ALA A 84 8.24 11.05 -23.90
N GLY A 85 9.05 10.01 -23.75
CA GLY A 85 10.45 10.20 -23.42
C GLY A 85 10.70 10.33 -21.92
N ASN A 86 9.65 10.49 -21.13
CA ASN A 86 9.79 10.48 -19.67
C ASN A 86 9.38 9.14 -19.09
N LYS A 87 10.05 8.73 -18.02
CA LYS A 87 9.73 7.50 -17.33
C LYS A 87 9.45 7.78 -15.85
N LEU A 88 8.91 6.77 -15.16
CA LEU A 88 8.70 6.85 -13.73
C LEU A 88 9.97 6.57 -12.93
N ASP A 89 10.08 7.25 -11.79
CA ASP A 89 11.10 6.92 -10.80
C ASP A 89 10.55 6.12 -9.63
N GLY A 90 9.23 6.13 -9.45
CA GLY A 90 8.65 5.42 -8.34
C GLY A 90 7.25 4.93 -8.59
N VAL A 91 6.90 3.86 -7.89
CA VAL A 91 5.58 3.26 -7.93
C VAL A 91 5.18 2.90 -6.52
N VAL A 92 3.98 3.34 -6.09
CA VAL A 92 3.42 2.97 -4.80
C VAL A 92 2.17 2.12 -4.98
N HIS A 93 2.26 0.90 -4.45
CA HIS A 93 1.14 -0.03 -4.36
C HIS A 93 0.53 0.11 -2.98
N SER A 94 -0.68 0.65 -2.91
CA SER A 94 -1.37 0.82 -1.61
C SER A 94 -2.78 0.27 -1.77
N ILE A 95 -2.82 -1.02 -2.13
CA ILE A 95 -4.05 -1.70 -2.55
C ILE A 95 -4.24 -2.97 -1.73
N GLY A 96 -5.43 -3.16 -1.21
CA GLY A 96 -5.75 -4.35 -0.46
C GLY A 96 -7.25 -4.54 -0.41
N PHE A 97 -7.67 -5.79 -0.32
CA PHE A 97 -9.08 -6.13 -0.23
C PHE A 97 -9.21 -7.57 0.24
N MET A 98 -10.21 -7.86 1.08
CA MET A 98 -10.61 -9.21 1.40
C MET A 98 -12.11 -9.20 1.65
N PRO A 99 -12.86 -10.10 1.00
CA PRO A 99 -14.30 -10.15 1.29
C PRO A 99 -14.58 -10.39 2.77
N GLN A 100 -15.77 -10.01 3.20
CA GLN A 100 -16.12 -10.10 4.61
C GLN A 100 -16.07 -11.52 5.15
N THR A 101 -16.23 -12.50 4.28
CA THR A 101 -16.15 -13.90 4.71
C THR A 101 -14.73 -14.25 5.18
N GLY A 102 -13.75 -13.46 4.76
CA GLY A 102 -12.34 -13.79 4.99
C GLY A 102 -11.71 -12.98 6.12
N MET A 103 -12.48 -12.07 6.71
CA MET A 103 -12.02 -11.22 7.81
C MET A 103 -13.17 -11.06 8.80
N GLY A 104 -12.85 -10.62 10.01
CA GLY A 104 -13.90 -10.32 10.97
C GLY A 104 -14.27 -11.52 11.81
N ILE A 105 -15.53 -11.62 12.21
CA ILE A 105 -15.94 -12.70 13.11
C ILE A 105 -16.37 -13.96 12.36
N ASN A 106 -16.52 -13.89 11.04
CA ASN A 106 -16.86 -15.09 10.27
C ASN A 106 -15.76 -16.11 10.56
N PRO A 107 -16.13 -17.36 10.88
CA PRO A 107 -15.03 -18.31 11.19
C PRO A 107 -14.02 -18.47 10.06
N PHE A 108 -12.76 -18.60 10.46
CA PHE A 108 -11.65 -18.80 9.52
C PHE A 108 -11.95 -19.92 8.51
N PHE A 109 -12.47 -21.04 8.99
CA PHE A 109 -12.77 -22.17 8.12
C PHE A 109 -13.96 -21.95 7.18
N ASP A 110 -14.76 -20.92 7.40
CA ASP A 110 -15.96 -20.73 6.61
C ASP A 110 -15.78 -19.80 5.41
N ALA A 111 -14.57 -19.30 5.16
CA ALA A 111 -14.31 -18.47 4.00
C ALA A 111 -14.20 -19.34 2.75
N PRO A 112 -15.10 -19.18 1.77
CA PRO A 112 -15.00 -19.96 0.53
C PRO A 112 -13.75 -19.60 -0.23
N TYR A 113 -13.15 -20.55 -0.96
CA TYR A 113 -11.91 -20.21 -1.63
C TYR A 113 -12.11 -19.11 -2.68
N ALA A 114 -13.25 -19.04 -3.35
CA ALA A 114 -13.43 -17.99 -4.36
C ALA A 114 -13.22 -16.60 -3.72
N ASP A 115 -13.67 -16.45 -2.48
CA ASP A 115 -13.49 -15.19 -1.76
C ASP A 115 -12.04 -14.95 -1.37
N VAL A 116 -11.39 -15.97 -0.79
CA VAL A 116 -9.97 -15.88 -0.46
C VAL A 116 -9.15 -15.58 -1.71
N SER A 117 -9.44 -16.25 -2.82
CA SER A 117 -8.71 -16.07 -4.06
C SER A 117 -8.82 -14.62 -4.58
N LYS A 118 -10.00 -14.03 -4.45
CA LYS A 118 -10.20 -12.64 -4.88
C LYS A 118 -9.32 -11.72 -4.02
N GLY A 119 -9.31 -11.96 -2.72
CA GLY A 119 -8.49 -11.17 -1.81
C GLY A 119 -7.01 -11.29 -2.08
N ILE A 120 -6.54 -12.51 -2.37
CA ILE A 120 -5.14 -12.70 -2.67
C ILE A 120 -4.78 -12.07 -4.04
N HIS A 121 -5.71 -12.10 -4.99
CA HIS A 121 -5.48 -11.50 -6.30
C HIS A 121 -5.21 -10.02 -6.12
N ILE A 122 -6.12 -9.34 -5.43
CA ILE A 122 -6.03 -7.91 -5.27
C ILE A 122 -4.90 -7.51 -4.34
N SER A 123 -4.69 -8.26 -3.27
CA SER A 123 -3.79 -7.84 -2.22
C SER A 123 -2.33 -8.28 -2.39
N ALA A 124 -2.11 -9.36 -3.15
CA ALA A 124 -0.76 -9.92 -3.29
C ALA A 124 -0.31 -10.06 -4.74
N TYR A 125 -1.09 -10.77 -5.56
CA TYR A 125 -0.68 -11.01 -6.95
C TYR A 125 -0.54 -9.68 -7.68
N SER A 126 -1.40 -8.71 -7.34
CA SER A 126 -1.39 -7.46 -8.07
C SER A 126 -0.11 -6.65 -7.87
N TYR A 127 0.66 -6.95 -6.82
CA TYR A 127 1.95 -6.29 -6.64
C TYR A 127 2.87 -6.71 -7.79
N ALA A 128 2.83 -7.99 -8.15
CA ALA A 128 3.57 -8.47 -9.32
C ALA A 128 2.99 -7.92 -10.61
N SER A 129 1.65 -7.87 -10.77
CA SER A 129 1.18 -7.46 -12.07
CA SER A 129 1.01 -7.37 -11.98
C SER A 129 1.42 -5.94 -12.26
N MET A 130 1.42 -5.15 -11.18
CA MET A 130 1.74 -3.74 -11.36
C MET A 130 3.22 -3.56 -11.74
N ALA A 131 4.10 -4.33 -11.11
CA ALA A 131 5.52 -4.28 -11.47
C ALA A 131 5.75 -4.72 -12.91
N LYS A 132 5.08 -5.77 -13.34
CA LYS A 132 5.17 -6.21 -14.73
C LYS A 132 4.80 -5.10 -15.68
N ALA A 133 3.73 -4.40 -15.37
CA ALA A 133 3.23 -3.36 -16.26
C ALA A 133 4.14 -2.15 -16.28
N LEU A 134 4.72 -1.82 -15.13
CA LEU A 134 5.41 -0.53 -15.01
C LEU A 134 6.93 -0.57 -15.09
N LEU A 135 7.57 -1.70 -14.80
CA LEU A 135 9.03 -1.75 -14.90
C LEU A 135 9.56 -1.30 -16.28
N PRO A 136 8.87 -1.63 -17.40
CA PRO A 136 9.33 -1.17 -18.72
C PRO A 136 9.34 0.35 -18.90
N ILE A 137 8.67 1.08 -18.01
CA ILE A 137 8.70 2.54 -18.06
C ILE A 137 9.23 3.12 -16.75
N MET A 138 10.15 2.41 -16.10
CA MET A 138 10.86 2.93 -14.94
C MET A 138 12.35 3.17 -15.19
N ASN A 139 12.86 4.24 -14.58
CA ASN A 139 14.27 4.61 -14.70
C ASN A 139 15.14 3.82 -13.73
N PRO A 140 16.40 3.56 -14.12
CA PRO A 140 17.35 3.04 -13.14
C PRO A 140 17.40 3.92 -11.89
N GLY A 141 17.60 3.28 -10.74
CA GLY A 141 17.57 3.99 -9.47
C GLY A 141 16.17 4.12 -8.90
N GLY A 142 15.18 3.61 -9.65
CA GLY A 142 13.79 3.73 -9.25
C GLY A 142 13.42 2.80 -8.12
N SER A 143 12.19 2.94 -7.64
CA SER A 143 11.75 2.29 -6.42
C SER A 143 10.27 1.92 -6.49
N ILE A 144 9.95 0.66 -6.22
CA ILE A 144 8.59 0.18 -6.05
C ILE A 144 8.36 -0.09 -4.57
N VAL A 145 7.27 0.46 -4.02
CA VAL A 145 6.93 0.29 -2.59
C VAL A 145 5.51 -0.20 -2.48
N GLY A 146 5.29 -1.22 -1.64
CA GLY A 146 3.96 -1.69 -1.29
C GLY A 146 3.70 -1.64 0.21
N MET A 147 2.43 -1.68 0.58
CA MET A 147 2.05 -1.60 1.97
C MET A 147 1.75 -2.99 2.55
N ASP A 148 2.28 -3.22 3.74
CA ASP A 148 2.22 -4.51 4.45
C ASP A 148 1.67 -4.29 5.86
N PHE A 149 1.08 -5.34 6.44
CA PHE A 149 0.73 -5.37 7.87
C PHE A 149 1.31 -6.68 8.34
N ASP A 150 2.27 -6.61 9.27
CA ASP A 150 3.12 -7.75 9.65
C ASP A 150 2.32 -9.01 9.89
N PRO A 151 2.49 -10.03 9.04
CA PRO A 151 1.71 -11.25 9.16
C PRO A 151 2.47 -12.43 9.75
N SER A 152 3.61 -12.15 10.38
CA SER A 152 4.51 -13.18 10.91
CA SER A 152 4.47 -13.25 10.83
C SER A 152 3.90 -14.07 11.97
N ARG A 153 2.90 -13.53 12.66
CA ARG A 153 2.13 -14.21 13.70
C ARG A 153 0.65 -14.07 13.40
N ALA A 154 -0.15 -15.05 13.81
CA ALA A 154 -1.57 -14.96 13.62
C ALA A 154 -2.17 -13.98 14.62
N MET A 155 -3.36 -13.50 14.31
CA MET A 155 -4.05 -12.56 15.18
C MET A 155 -5.53 -12.75 14.99
N PRO A 156 -6.33 -12.31 15.96
CA PRO A 156 -7.77 -12.40 15.78
C PRO A 156 -8.28 -11.59 14.59
N ALA A 157 -9.29 -12.17 13.94
CA ALA A 157 -10.11 -11.50 12.95
C ALA A 157 -9.46 -11.16 11.60
N TYR A 158 -8.16 -10.85 11.58
CA TYR A 158 -7.49 -10.48 10.31
C TYR A 158 -7.47 -11.66 9.35
N ASN A 159 -7.42 -12.87 9.92
CA ASN A 159 -7.76 -14.11 9.21
C ASN A 159 -7.10 -14.19 7.84
N TRP A 160 -7.87 -14.27 6.76
CA TRP A 160 -7.29 -14.54 5.44
C TRP A 160 -6.55 -13.33 4.87
N MET A 161 -6.82 -12.12 5.37
CA MET A 161 -5.98 -10.99 4.98
C MET A 161 -4.54 -11.19 5.46
N THR A 162 -4.37 -11.82 6.62
CA THR A 162 -3.02 -12.16 7.12
C THR A 162 -2.32 -13.05 6.12
N VAL A 163 -3.06 -14.05 5.65
CA VAL A 163 -2.50 -14.99 4.66
C VAL A 163 -2.12 -14.25 3.35
N ALA A 164 -2.99 -13.34 2.91
CA ALA A 164 -2.69 -12.52 1.74
C ALA A 164 -1.43 -11.68 1.95
N LYS A 165 -1.24 -11.12 3.16
CA LYS A 165 -0.01 -10.35 3.41
C LYS A 165 1.22 -11.25 3.47
N SER A 166 1.10 -12.46 4.01
CA SER A 166 2.22 -13.41 3.93
C SER A 166 2.59 -13.69 2.48
N ALA A 167 1.59 -13.88 1.62
CA ALA A 167 1.83 -14.07 0.20
C ALA A 167 2.52 -12.83 -0.41
N LEU A 168 2.03 -11.63 -0.10
CA LEU A 168 2.62 -10.38 -0.59
C LEU A 168 4.11 -10.27 -0.25
N GLU A 169 4.47 -10.64 0.98
CA GLU A 169 5.87 -10.55 1.39
C GLU A 169 6.74 -11.46 0.49
N SER A 170 6.22 -12.64 0.17
CA SER A 170 6.92 -13.56 -0.71
C SER A 170 7.00 -12.99 -2.13
N VAL A 171 5.88 -12.47 -2.63
CA VAL A 171 5.85 -11.86 -3.95
C VAL A 171 6.89 -10.74 -4.06
N ASN A 172 7.01 -9.92 -3.03
CA ASN A 172 7.96 -8.80 -3.04
C ASN A 172 9.40 -9.28 -3.25
N ARG A 173 9.78 -10.40 -2.65
CA ARG A 173 11.13 -10.92 -2.82
C ARG A 173 11.39 -11.36 -4.27
N PHE A 174 10.37 -11.89 -4.95
CA PHE A 174 10.51 -12.22 -6.36
C PHE A 174 10.44 -10.99 -7.27
N VAL A 175 9.60 -10.01 -6.93
CA VAL A 175 9.56 -8.78 -7.71
C VAL A 175 10.92 -8.09 -7.63
N ALA A 176 11.60 -8.17 -6.49
CA ALA A 176 12.93 -7.60 -6.37
C ALA A 176 13.92 -8.20 -7.37
N ARG A 177 13.82 -9.51 -7.59
CA ARG A 177 14.67 -10.17 -8.59
C ARG A 177 14.45 -9.60 -9.98
N GLU A 178 13.19 -9.42 -10.36
CA GLU A 178 12.89 -8.86 -11.67
C GLU A 178 13.27 -7.39 -11.76
N ALA A 179 12.96 -6.62 -10.72
CA ALA A 179 13.16 -5.18 -10.73
C ALA A 179 14.65 -4.85 -10.81
N GLY A 180 15.47 -5.69 -10.19
CA GLY A 180 16.91 -5.48 -10.19
C GLY A 180 17.52 -5.42 -11.57
N LYS A 181 16.93 -6.14 -12.52
CA LYS A 181 17.37 -6.10 -13.91
C LYS A 181 17.24 -4.70 -14.55
N TYR A 182 16.35 -3.89 -13.99
CA TYR A 182 16.10 -2.53 -14.42
C TYR A 182 16.79 -1.49 -13.54
N GLY A 183 17.55 -1.96 -12.56
CA GLY A 183 18.15 -1.07 -11.58
C GLY A 183 17.14 -0.48 -10.62
N VAL A 184 16.05 -1.21 -10.41
CA VAL A 184 14.94 -0.75 -9.58
C VAL A 184 14.85 -1.61 -8.32
N ARG A 185 14.54 -0.96 -7.19
CA ARG A 185 14.31 -1.60 -5.91
C ARG A 185 12.84 -1.90 -5.67
N SER A 186 12.56 -2.95 -4.90
CA SER A 186 11.22 -3.31 -4.49
C SER A 186 11.20 -3.58 -3.01
N ASN A 187 10.33 -2.89 -2.26
CA ASN A 187 10.25 -3.08 -0.81
C ASN A 187 8.85 -2.87 -0.31
N LEU A 188 8.57 -3.41 0.87
CA LEU A 188 7.31 -3.14 1.56
C LEU A 188 7.54 -2.29 2.79
N VAL A 189 6.56 -1.46 3.11
CA VAL A 189 6.48 -0.80 4.41
C VAL A 189 5.39 -1.47 5.24
N ALA A 190 5.80 -2.05 6.36
CA ALA A 190 4.90 -2.69 7.32
C ALA A 190 4.51 -1.62 8.32
N ALA A 191 3.28 -1.13 8.18
CA ALA A 191 2.76 -0.06 9.00
C ALA A 191 2.07 -0.60 10.24
N GLY A 192 2.07 0.19 11.31
CA GLY A 192 1.16 -0.07 12.41
C GLY A 192 -0.27 0.26 12.01
N PRO A 193 -1.22 -0.03 12.89
CA PRO A 193 -2.64 0.17 12.56
C PRO A 193 -3.00 1.64 12.40
N ILE A 194 -3.66 1.93 11.28
CA ILE A 194 -4.10 3.29 10.96
C ILE A 194 -5.61 3.34 10.83
N ARG A 195 -6.22 4.30 11.52
CA ARG A 195 -7.67 4.48 11.51
C ARG A 195 -8.15 5.13 10.25
N THR A 196 -8.25 4.34 9.21
CA THR A 196 -8.95 4.75 8.02
C THR A 196 -10.44 4.68 8.30
N LEU A 197 -11.25 5.21 7.38
CA LEU A 197 -12.71 5.16 7.49
C LEU A 197 -13.23 3.75 7.86
N ALA A 198 -12.74 2.80 7.11
CA ALA A 198 -13.11 1.40 7.24
C ALA A 198 -12.74 0.81 8.59
N MET A 199 -11.62 1.25 9.16
CA MET A 199 -11.20 0.70 10.44
C MET A 199 -12.06 1.24 11.54
N SER A 200 -12.50 2.49 11.46
CA SER A 200 -13.44 2.97 12.45
C SER A 200 -14.73 2.19 12.28
N ALA A 201 -15.02 1.78 11.04
CA ALA A 201 -16.24 1.05 10.75
C ALA A 201 -16.16 -0.33 11.41
N ILE A 202 -15.00 -0.96 11.30
CA ILE A 202 -14.79 -2.28 11.91
C ILE A 202 -14.79 -2.14 13.44
N VAL A 203 -14.20 -1.07 13.98
CA VAL A 203 -14.31 -0.81 15.43
C VAL A 203 -15.74 -0.57 15.91
N GLY A 204 -16.56 0.12 15.11
CA GLY A 204 -17.97 0.29 15.40
C GLY A 204 -18.77 -0.97 15.16
N GLY A 205 -18.09 -2.04 14.73
CA GLY A 205 -18.71 -3.36 14.65
C GLY A 205 -19.12 -3.87 13.27
N ALA A 206 -18.64 -3.25 12.21
CA ALA A 206 -19.10 -3.60 10.85
C ALA A 206 -18.84 -5.07 10.47
N LEU A 207 -17.81 -5.67 11.05
CA LEU A 207 -17.49 -7.09 10.81
C LEU A 207 -17.73 -7.96 12.04
N GLY A 208 -18.60 -7.49 12.93
CA GLY A 208 -18.93 -8.19 14.16
C GLY A 208 -18.36 -7.54 15.41
N GLU A 209 -19.04 -7.69 16.52
CA GLU A 209 -18.63 -7.03 17.76
C GLU A 209 -17.28 -7.54 18.25
N GLU A 210 -17.08 -8.85 18.23
CA GLU A 210 -15.83 -9.41 18.71
C GLU A 210 -14.63 -8.90 17.93
N ALA A 211 -14.76 -8.71 16.62
CA ALA A 211 -13.65 -8.22 15.80
C ALA A 211 -13.32 -6.78 16.17
N GLY A 212 -14.35 -5.97 16.39
CA GLY A 212 -14.10 -4.59 16.75
C GLY A 212 -13.39 -4.49 18.10
N ALA A 213 -13.83 -5.33 19.02
CA ALA A 213 -13.24 -5.38 20.35
C ALA A 213 -11.78 -5.79 20.27
N GLN A 214 -11.49 -6.78 19.44
CA GLN A 214 -10.12 -7.26 19.29
CA GLN A 214 -10.12 -7.26 19.29
C GLN A 214 -9.22 -6.21 18.66
N ILE A 215 -9.73 -5.48 17.66
CA ILE A 215 -8.93 -4.42 17.05
C ILE A 215 -8.63 -3.32 18.04
N GLN A 216 -9.59 -2.92 18.88
CA GLN A 216 -9.29 -1.89 19.85
C GLN A 216 -8.19 -2.39 20.81
N LEU A 217 -8.25 -3.66 21.21
CA LEU A 217 -7.19 -4.20 22.08
C LEU A 217 -5.83 -4.20 21.36
N LEU A 218 -5.84 -4.54 20.08
CA LEU A 218 -4.62 -4.52 19.27
C LEU A 218 -4.02 -3.12 19.22
N GLU A 219 -4.87 -2.14 18.94
CA GLU A 219 -4.42 -0.75 18.89
C GLU A 219 -3.81 -0.30 20.21
N GLU A 220 -4.45 -0.65 21.31
CA GLU A 220 -3.97 -0.21 22.60
C GLU A 220 -2.64 -0.86 22.92
N GLY A 221 -2.54 -2.15 22.66
CA GLY A 221 -1.30 -2.87 22.90
C GLY A 221 -0.16 -2.36 22.05
N TRP A 222 -0.49 -1.96 20.83
CA TRP A 222 0.53 -1.51 19.88
C TRP A 222 1.23 -0.24 20.39
N ASP A 223 0.44 0.71 20.85
CA ASP A 223 1.00 1.95 21.41
C ASP A 223 1.79 1.69 22.68
N GLN A 224 1.33 0.74 23.50
CA GLN A 224 2.03 0.36 24.73
C GLN A 224 3.43 -0.22 24.39
N ARG A 225 3.45 -1.17 23.48
CA ARG A 225 4.69 -1.87 23.07
C ARG A 225 5.67 -0.99 22.35
N ALA A 226 5.15 -0.09 21.53
CA ALA A 226 5.99 0.79 20.72
C ALA A 226 6.87 1.68 21.60
N PRO A 227 8.22 1.54 21.51
CA PRO A 227 9.01 2.40 22.41
C PRO A 227 8.87 3.90 22.20
N ILE A 228 8.50 4.32 21.00
CA ILE A 228 8.23 5.73 20.72
C ILE A 228 6.72 6.01 20.56
N GLY A 229 5.89 5.05 20.96
CA GLY A 229 4.45 5.21 20.90
C GLY A 229 3.94 5.00 19.48
N TRP A 230 2.63 4.93 19.35
CA TRP A 230 1.98 4.76 18.05
C TRP A 230 0.67 5.52 18.06
N ASN A 231 0.51 6.43 17.11
CA ASN A 231 -0.72 7.19 16.94
C ASN A 231 -1.48 6.71 15.71
N MET A 232 -2.51 5.91 15.95
CA MET A 232 -3.29 5.31 14.88
C MET A 232 -4.06 6.36 14.06
N LYS A 233 -4.18 7.59 14.58
CA LYS A 233 -4.87 8.64 13.83
C LYS A 233 -3.96 9.42 12.88
N ASP A 234 -2.67 9.09 12.86
CA ASP A 234 -1.67 9.86 12.11
C ASP A 234 -0.92 8.99 11.10
N ALA A 235 -1.30 9.09 9.83
CA ALA A 235 -0.61 8.34 8.79
C ALA A 235 0.69 8.99 8.34
N THR A 236 0.98 10.22 8.77
CA THR A 236 2.14 10.92 8.23
C THR A 236 3.47 10.16 8.45
N PRO A 237 3.68 9.54 9.62
CA PRO A 237 4.96 8.81 9.78
C PRO A 237 5.13 7.65 8.80
N VAL A 238 4.01 7.03 8.43
CA VAL A 238 4.02 5.98 7.42
C VAL A 238 4.32 6.57 6.04
N ALA A 239 3.65 7.67 5.72
CA ALA A 239 3.88 8.33 4.45
C ALA A 239 5.34 8.77 4.30
N LYS A 240 5.93 9.33 5.36
CA LYS A 240 7.34 9.72 5.33
C LYS A 240 8.24 8.53 5.03
N THR A 241 7.96 7.38 5.65
CA THR A 241 8.74 6.17 5.42
C THR A 241 8.67 5.69 3.98
N VAL A 242 7.49 5.72 3.39
CA VAL A 242 7.35 5.38 1.98
C VAL A 242 8.19 6.34 1.14
N CYS A 243 8.13 7.64 1.43
CA CYS A 243 8.95 8.61 0.70
C CYS A 243 10.44 8.34 0.88
N ALA A 244 10.88 7.90 2.06
CA ALA A 244 12.29 7.52 2.25
C ALA A 244 12.71 6.42 1.28
N LEU A 245 11.85 5.43 1.10
CA LEU A 245 12.14 4.33 0.19
C LEU A 245 12.09 4.76 -1.26
N LEU A 246 11.27 5.76 -1.57
CA LEU A 246 11.18 6.31 -2.93
C LEU A 246 12.37 7.18 -3.27
N SER A 247 13.08 7.64 -2.24
CA SER A 247 14.21 8.53 -2.40
C SER A 247 15.49 7.80 -2.77
N ASP A 248 16.54 8.58 -2.92
CA ASP A 248 17.88 8.05 -3.20
C ASP A 248 18.62 7.56 -1.95
N TRP A 249 17.97 7.58 -0.78
CA TRP A 249 18.70 7.41 0.48
C TRP A 249 18.67 6.01 1.08
N LEU A 250 17.99 5.07 0.42
CA LEU A 250 18.05 3.66 0.81
C LEU A 250 18.42 2.84 -0.43
N PRO A 251 19.59 3.13 -1.02
CA PRO A 251 19.92 2.61 -2.34
C PRO A 251 20.35 1.14 -2.40
N ALA A 252 20.58 0.54 -1.23
CA ALA A 252 21.06 -0.85 -1.17
C ALA A 252 20.07 -1.77 -0.47
N THR A 253 18.81 -1.33 -0.39
CA THR A 253 17.74 -2.09 0.24
C THR A 253 16.74 -2.55 -0.81
N THR A 254 16.54 -3.87 -0.94
CA THR A 254 15.54 -4.39 -1.87
C THR A 254 15.12 -5.81 -1.49
N GLY A 255 13.91 -6.17 -1.90
CA GLY A 255 13.29 -7.41 -1.48
C GLY A 255 12.92 -7.43 -0.01
N ASP A 256 12.84 -6.26 0.60
CA ASP A 256 12.85 -6.15 2.04
C ASP A 256 11.60 -5.50 2.59
N ILE A 257 11.54 -5.46 3.92
CA ILE A 257 10.40 -4.91 4.67
C ILE A 257 10.97 -3.91 5.67
N ILE A 258 10.46 -2.67 5.59
CA ILE A 258 10.78 -1.61 6.52
C ILE A 258 9.59 -1.41 7.43
N TYR A 259 9.80 -1.43 8.75
CA TYR A 259 8.69 -1.36 9.72
C TYR A 259 8.48 0.07 10.20
N ALA A 260 7.35 0.64 9.82
CA ALA A 260 6.92 1.97 10.28
C ALA A 260 5.77 1.75 11.25
N ASP A 261 6.14 1.26 12.44
CA ASP A 261 5.17 0.74 13.39
C ASP A 261 5.45 1.15 14.84
N GLY A 262 6.30 2.16 15.02
CA GLY A 262 6.66 2.62 16.34
C GLY A 262 7.66 1.73 17.06
N GLY A 263 8.16 0.71 16.35
CA GLY A 263 9.01 -0.30 16.95
C GLY A 263 8.25 -1.42 17.66
N ALA A 264 6.94 -1.41 17.55
CA ALA A 264 6.15 -2.38 18.30
C ALA A 264 6.53 -3.82 18.01
N HIS A 265 6.88 -4.15 16.77
CA HIS A 265 7.16 -5.56 16.46
C HIS A 265 8.46 -6.07 17.08
N THR A 266 9.26 -5.17 17.68
CA THR A 266 10.53 -5.56 18.30
C THR A 266 10.40 -5.82 19.79
N GLN A 267 9.18 -5.67 20.33
CA GLN A 267 8.91 -5.73 21.76
C GLN A 267 7.80 -6.73 22.03
N LEU A 268 7.98 -7.56 23.05
CA LEU A 268 6.96 -8.59 23.32
C LEU A 268 5.86 -8.00 24.17
N LEU A 269 6.27 -7.25 25.19
CA LEU A 269 5.35 -6.46 25.99
C LEU A 269 6.14 -5.29 26.60
PA NAD B . -8.00 2.04 1.76
O1A NAD B . -7.99 3.52 1.82
O2A NAD B . -9.34 1.37 1.68
O5B NAD B . -7.08 1.55 0.56
C5B NAD B . -7.25 0.29 -0.12
C4B NAD B . -7.31 0.63 -1.59
O4B NAD B . -7.35 -0.58 -2.39
C3B NAD B . -8.52 1.48 -2.01
O3B NAD B . -8.13 2.66 -2.68
C2B NAD B . -9.28 0.56 -2.95
O2B NAD B . -9.96 1.23 -4.00
C1B NAD B . -8.12 -0.24 -3.52
N9A NAD B . -8.52 -1.42 -4.28
C8A NAD B . -9.40 -2.41 -3.92
N7A NAD B . -9.71 -3.22 -4.90
C5A NAD B . -8.96 -2.75 -5.96
C6A NAD B . -8.83 -3.18 -7.29
N6A NAD B . -9.52 -4.20 -7.82
N1A NAD B . -7.98 -2.50 -8.09
C2A NAD B . -7.33 -1.45 -7.59
N3A NAD B . -7.39 -0.93 -6.36
C4A NAD B . -8.22 -1.64 -5.59
O3 NAD B . -7.24 1.43 3.02
PN NAD B . -5.77 1.62 3.59
O1N NAD B . -5.23 2.95 3.24
O2N NAD B . -5.89 1.26 5.03
O5D NAD B . -4.95 0.47 2.86
C5D NAD B . -3.91 0.73 1.90
C4D NAD B . -2.88 -0.38 2.02
O4D NAD B . -2.22 -0.30 3.31
C3D NAD B . -3.43 -1.79 1.91
O3D NAD B . -2.44 -2.63 1.31
C2D NAD B . -3.56 -2.21 3.37
O2D NAD B . -3.55 -3.63 3.47
C1D NAD B . -2.30 -1.57 3.92
N1N NAD B . -2.21 -1.39 5.41
C2N NAD B . -3.20 -0.80 6.10
C3N NAD B . -3.13 -0.68 7.47
C7N NAD B . -4.18 0.00 8.30
O7N NAD B . -4.23 -0.22 9.53
N7N NAD B . -5.11 0.75 7.68
C4N NAD B . -1.98 -1.15 8.13
C5N NAD B . -0.94 -1.68 7.37
C6N NAD B . -1.08 -1.80 6.02
HOA2 NAD B . -10.16 1.69 2.15
H51A NAD B . -8.20 -0.13 0.22
H52A NAD B . -6.46 -0.41 0.15
H4B NAD B . -6.37 1.09 -1.90
H3B NAD B . -9.09 1.80 -1.12
HO3A NAD B . -7.95 3.36 -2.00
H2B NAD B . -9.95 -0.07 -2.37
HO2A NAD B . -10.91 1.31 -3.69
H1B NAD B . -7.51 0.37 -4.19
H8A NAD B . -9.81 -2.50 -2.91
H61A NAD B . -10.19 -4.71 -7.24
H62A NAD B . -9.39 -4.47 -8.79
H2A NAD B . -6.65 -0.95 -8.28
H51N NAD B . -3.45 1.71 2.07
H52N NAD B . -4.39 0.73 0.92
H4D NAD B . -2.06 -0.22 1.33
H3D NAD B . -4.37 -1.87 1.37
HO3N NAD B . -2.93 -3.30 0.77
H2D NAD B . -4.48 -1.89 3.83
HO2N NAD B . -3.11 -3.92 4.31
H1D NAD B . -1.40 -2.12 3.66
H2N NAD B . -4.06 -0.42 5.55
H71N NAD B . -5.09 0.84 6.67
H72N NAD B . -5.86 1.25 8.15
H5N NAD B . -0.01 -2.00 7.85
H6N NAD B . -0.29 -2.24 5.40
C1 641 C . -8.69 -4.67 3.33
C2 641 C . -8.00 -4.48 4.68
C3 641 C . -6.94 -3.36 4.66
C4 641 C . -7.54 -2.06 4.16
C5 641 C . -8.21 -2.25 2.78
C6 641 C . -9.25 -3.35 2.78
C7 641 C . -5.30 -3.95 6.33
C8 641 C . -5.02 -3.58 7.78
C9 641 C . -6.26 -2.89 8.36
C10 641 C . -6.90 -2.39 7.07
N11 641 C . -6.37 -3.23 5.99
C12 641 C . -7.10 -3.98 9.01
N13 641 C . -6.75 -4.34 10.23
O14 641 C . -8.05 -4.46 8.41
O15 641 C . -4.67 -4.72 5.65
C15 641 C . -7.31 -5.37 11.00
C20 641 C . -8.53 -5.97 10.74
C19 641 C . -9.02 -7.02 11.50
CL2 641 C . -10.60 -7.68 11.08
C18 641 C . -8.29 -7.51 12.57
C17 641 C . -7.04 -6.93 12.84
C16 641 C . -6.52 -5.88 12.09
CL1 641 C . -6.08 -7.54 14.22
HN13 641 C . -5.94 -3.90 10.61
H9 641 C . -6.00 -2.13 9.09
H101 641 C . -6.61 -1.34 6.91
H102 641 C . -7.98 -2.40 7.10
H81 641 C . -4.09 -3.00 7.81
H82 641 C . -4.70 -4.49 8.28
H3 641 C . -6.13 -3.66 3.97
H41 641 C . -8.29 -1.69 4.86
H42 641 C . -6.77 -1.28 4.11
H51 641 C . -7.45 -2.48 2.02
H52 641 C . -8.65 -1.32 2.41
H61 641 C . -9.66 -3.50 1.77
H62 641 C . -10.13 -3.05 3.36
H4 641 C . -9.51 -5.40 3.43
H1 641 C . -8.02 -5.14 2.60
H2 641 C . -8.75 -4.27 5.43
H5 641 C . -7.54 -5.42 4.99
H16 641 C . -5.54 -5.46 12.33
H18 641 C . -8.67 -8.34 13.19
H20 641 C . -9.12 -5.61 9.91
#